data_1O4Y
#
_entry.id   1O4Y
#
_cell.length_a   50.314
_cell.length_b   57.487
_cell.length_c   89.054
_cell.angle_alpha   90.00
_cell.angle_beta   90.00
_cell.angle_gamma   90.00
#
_symmetry.space_group_name_H-M   'P 21 21 21'
#
loop_
_entity.id
_entity.type
_entity.pdbx_description
1 polymer 'beta-agarase A'
2 non-polymer 'SODIUM ION'
3 non-polymer 'CALCIUM ION'
4 non-polymer 'SULFATE ION'
5 water water
#
_entity_poly.entity_id   1
_entity_poly.type   'polypeptide(L)'
_entity_poly.pdbx_seq_one_letter_code
;MDIAQDWNGIPVPANPGNGMTWQLQDNVSDSFNYTSSEGNRPTAFTSKWKPSYINGWTGPGSTIFNAPQAWTNGSQLAIQ
AQPAGNGKSYNGIITSKNKIQYPVYMEIKAKIMDQVLANAFWTLTDDETQEIDIMEGYGSDRGGTWFAQRMHLSHHTFIR
NPFTDYQPMGDATWYYNGGTPWRSAYHRYGCYWKDPFTLEYYIDGVKVRTVTRAEIDPNNHLGGTGLNQATNIIIDCENQ
TDWRPAATQEELADDSKNIFWVDWIRVYKPVAVSGGGNNSLEHHHHHH
;
_entity_poly.pdbx_strand_id   A
#
loop_
_chem_comp.id
_chem_comp.type
_chem_comp.name
_chem_comp.formula
CA non-polymer 'CALCIUM ION' 'Ca 2'
NA non-polymer 'SODIUM ION' 'Na 1'
SO4 non-polymer 'SULFATE ION' 'O4 S -2'
#
# COMPACT_ATOMS: atom_id res chain seq x y z
N ALA A 4 -10.67 7.44 -21.38
CA ALA A 4 -10.95 8.07 -20.04
C ALA A 4 -10.33 7.25 -18.92
N GLN A 5 -9.59 7.94 -18.05
CA GLN A 5 -9.17 7.41 -16.77
C GLN A 5 -9.63 8.38 -15.68
N ASP A 6 -9.85 7.85 -14.50
CA ASP A 6 -10.40 8.60 -13.39
C ASP A 6 -9.55 9.79 -12.93
N TRP A 7 -8.25 9.77 -13.22
CA TRP A 7 -7.30 10.79 -12.75
C TRP A 7 -6.98 11.86 -13.78
N ASN A 8 -7.58 11.79 -14.97
CA ASN A 8 -7.25 12.72 -16.03
C ASN A 8 -7.47 14.18 -15.57
N GLY A 9 -6.43 15.00 -15.73
CA GLY A 9 -6.45 16.38 -15.27
C GLY A 9 -5.74 16.67 -13.93
N ILE A 10 -5.54 15.64 -13.10
CA ILE A 10 -4.87 15.81 -11.81
C ILE A 10 -3.36 15.76 -12.03
N PRO A 11 -2.64 16.84 -11.74
CA PRO A 11 -1.19 16.82 -11.99
C PRO A 11 -0.43 15.79 -11.15
N VAL A 12 0.72 15.37 -11.66
CA VAL A 12 1.69 14.67 -10.84
C VAL A 12 2.45 15.71 -10.02
N PRO A 13 2.49 15.60 -8.69
CA PRO A 13 3.09 16.64 -7.85
C PRO A 13 4.63 16.74 -7.85
N ALA A 14 5.32 15.70 -8.30
CA ALA A 14 6.78 15.65 -8.35
C ALA A 14 7.30 16.21 -9.69
N ASN A 15 8.55 16.66 -9.71
CA ASN A 15 9.19 17.22 -10.91
C ASN A 15 9.85 16.07 -11.68
N PRO A 16 9.52 15.90 -12.98
CA PRO A 16 10.10 14.82 -13.79
C PRO A 16 11.58 15.05 -14.18
N GLY A 17 12.06 16.28 -14.02
CA GLY A 17 13.44 16.63 -14.36
C GLY A 17 13.50 17.51 -15.60
N ASN A 18 14.64 18.19 -15.76
CA ASN A 18 14.89 19.08 -16.88
C ASN A 18 14.77 18.35 -18.24
N GLY A 19 13.99 18.93 -19.15
CA GLY A 19 13.73 18.32 -20.43
C GLY A 19 13.01 16.97 -20.41
N MET A 20 12.30 16.69 -19.32
CA MET A 20 11.55 15.44 -19.16
C MET A 20 10.06 15.69 -18.96
N THR A 21 9.26 14.64 -19.16
CA THR A 21 7.81 14.66 -18.93
C THR A 21 7.40 13.30 -18.28
N TRP A 22 6.25 13.26 -17.63
CA TRP A 22 5.77 12.03 -16.97
C TRP A 22 4.98 11.19 -17.98
N GLN A 23 5.30 9.91 -18.08
CA GLN A 23 4.62 8.97 -18.95
C GLN A 23 4.00 7.84 -18.12
N LEU A 24 2.71 7.59 -18.32
CA LEU A 24 1.98 6.54 -17.58
C LEU A 24 2.56 5.16 -17.89
N GLN A 25 2.71 4.31 -16.86
CA GLN A 25 3.06 2.88 -16.99
C GLN A 25 1.72 2.13 -16.96
N ASP A 26 1.21 1.78 -18.16
CA ASP A 26 -0.11 1.18 -18.34
C ASP A 26 -0.29 -0.12 -17.54
N ASN A 27 0.75 -0.95 -17.47
CA ASN A 27 0.56 -2.32 -16.96
C ASN A 27 0.45 -2.42 -15.42
N VAL A 28 0.59 -1.30 -14.73
CA VAL A 28 0.40 -1.22 -13.26
C VAL A 28 -0.54 -0.06 -12.87
N SER A 29 -1.27 0.52 -13.80
CA SER A 29 -2.25 1.57 -13.57
C SER A 29 -3.64 1.03 -13.85
N ASP A 30 -4.66 1.45 -13.10
CA ASP A 30 -6.01 0.90 -13.28
C ASP A 30 -7.04 1.83 -12.62
N SER A 31 -8.13 2.10 -13.31
CA SER A 31 -9.30 2.82 -12.76
C SER A 31 -10.32 1.89 -12.06
N PHE A 32 -10.14 0.58 -12.21
CA PHE A 32 -11.02 -0.45 -11.63
C PHE A 32 -12.49 -0.27 -12.03
N ASN A 33 -12.73 0.25 -13.22
CA ASN A 33 -14.09 0.53 -13.68
C ASN A 33 -14.70 -0.68 -14.42
N TYR A 34 -14.82 -1.78 -13.67
CA TYR A 34 -15.38 -3.06 -14.13
C TYR A 34 -15.82 -3.87 -12.90
N THR A 35 -16.66 -4.90 -13.08
CA THR A 35 -17.23 -5.71 -12.01
C THR A 35 -16.54 -7.06 -12.07
N SER A 36 -16.07 -7.55 -10.92
CA SER A 36 -15.33 -8.81 -10.87
C SER A 36 -15.33 -9.43 -9.46
N SER A 37 -15.11 -10.74 -9.39
CA SER A 37 -15.12 -11.49 -8.12
C SER A 37 -14.56 -12.88 -8.38
N GLU A 38 -14.32 -13.65 -7.32
CA GLU A 38 -13.89 -15.05 -7.48
C GLU A 38 -14.77 -15.81 -8.47
N GLY A 39 -14.14 -16.43 -9.46
CA GLY A 39 -14.85 -17.14 -10.51
C GLY A 39 -15.31 -16.30 -11.68
N ASN A 40 -15.13 -14.98 -11.60
CA ASN A 40 -15.63 -14.03 -12.59
C ASN A 40 -14.64 -12.87 -12.74
N ARG A 41 -13.45 -13.16 -13.23
CA ARG A 41 -12.41 -12.13 -13.32
C ARG A 41 -12.03 -11.88 -14.77
N PRO A 42 -12.28 -10.66 -15.27
CA PRO A 42 -12.01 -10.31 -16.67
C PRO A 42 -10.54 -10.04 -16.94
N THR A 43 -10.19 -9.96 -18.21
CA THR A 43 -8.83 -9.70 -18.63
C THR A 43 -8.29 -8.36 -18.13
N ALA A 44 -9.16 -7.37 -18.00
CA ALA A 44 -8.77 -6.04 -17.50
C ALA A 44 -8.15 -6.13 -16.08
N PHE A 45 -8.58 -7.14 -15.31
CA PHE A 45 -7.99 -7.45 -14.00
C PHE A 45 -6.84 -8.43 -14.12
N THR A 46 -7.06 -9.61 -14.73
CA THR A 46 -6.07 -10.68 -14.66
C THR A 46 -4.77 -10.42 -15.43
N SER A 47 -4.79 -9.53 -16.43
CA SER A 47 -3.56 -9.18 -17.13
C SER A 47 -2.59 -8.39 -16.26
N LYS A 48 -3.10 -7.75 -15.20
CA LYS A 48 -2.31 -6.89 -14.34
C LYS A 48 -2.15 -7.35 -12.89
N TRP A 49 -3.13 -8.06 -12.34
CA TRP A 49 -3.20 -8.33 -10.88
C TRP A 49 -3.48 -9.80 -10.55
N LYS A 50 -3.01 -10.24 -9.38
CA LYS A 50 -3.44 -11.54 -8.82
C LYS A 50 -3.91 -11.34 -7.38
N PRO A 51 -5.01 -12.01 -6.97
CA PRO A 51 -5.62 -11.79 -5.64
C PRO A 51 -4.95 -12.60 -4.49
N SER A 52 -3.62 -12.55 -4.44
CA SER A 52 -2.79 -13.30 -3.48
C SER A 52 -1.47 -12.58 -3.22
N TYR A 53 -0.75 -13.02 -2.21
CA TYR A 53 0.58 -12.54 -1.87
C TYR A 53 1.58 -12.99 -2.94
N ILE A 54 2.78 -12.45 -2.87
CA ILE A 54 3.84 -12.77 -3.84
C ILE A 54 4.39 -14.19 -3.72
N ASN A 55 4.08 -14.88 -2.61
CA ASN A 55 4.37 -16.31 -2.43
C ASN A 55 3.27 -16.97 -1.54
N GLY A 56 3.51 -18.17 -1.04
CA GLY A 56 2.47 -18.92 -0.33
C GLY A 56 2.13 -18.53 1.10
N TRP A 57 2.84 -17.55 1.67
CA TRP A 57 2.52 -17.06 3.02
C TRP A 57 1.07 -16.56 3.13
N THR A 58 0.40 -16.90 4.24
CA THR A 58 -0.98 -16.44 4.47
C THR A 58 -1.06 -15.22 5.36
N GLY A 59 0.07 -14.64 5.76
CA GLY A 59 0.09 -13.34 6.41
C GLY A 59 0.45 -13.38 7.90
N PRO A 60 0.61 -12.22 8.51
CA PRO A 60 1.09 -12.11 9.91
C PRO A 60 -0.02 -12.35 10.95
N GLY A 61 0.34 -12.78 12.16
CA GLY A 61 -0.57 -12.81 13.30
C GLY A 61 -1.83 -13.63 13.05
N SER A 62 -2.98 -12.97 13.11
CA SER A 62 -4.29 -13.61 12.97
C SER A 62 -4.91 -13.41 11.56
N THR A 63 -4.05 -13.03 10.60
CA THR A 63 -4.39 -12.86 9.16
C THR A 63 -4.50 -14.20 8.47
N ILE A 64 -5.48 -14.33 7.56
CA ILE A 64 -5.51 -15.41 6.57
C ILE A 64 -5.83 -14.81 5.18
N PHE A 65 -4.80 -14.54 4.38
CA PHE A 65 -5.00 -14.03 3.02
C PHE A 65 -5.89 -15.01 2.27
N ASN A 66 -6.89 -14.48 1.55
CA ASN A 66 -7.94 -15.33 0.92
C ASN A 66 -8.45 -14.65 -0.38
N ALA A 67 -8.34 -15.33 -1.51
CA ALA A 67 -8.65 -14.74 -2.82
C ALA A 67 -10.07 -14.14 -2.96
N PRO A 68 -11.14 -14.75 -2.42
CA PRO A 68 -12.47 -14.16 -2.56
C PRO A 68 -12.64 -12.78 -1.95
N GLN A 69 -11.73 -12.36 -1.07
CA GLN A 69 -11.85 -11.09 -0.37
C GLN A 69 -11.26 -9.87 -1.15
N ALA A 70 -10.81 -10.10 -2.39
CA ALA A 70 -10.54 -9.02 -3.38
C ALA A 70 -11.55 -9.09 -4.53
N TRP A 71 -12.24 -7.99 -4.79
CA TRP A 71 -13.25 -7.93 -5.82
C TRP A 71 -13.46 -6.48 -6.26
N THR A 72 -14.14 -6.24 -7.38
CA THR A 72 -14.45 -4.86 -7.84
C THR A 72 -15.93 -4.72 -8.14
N ASN A 73 -16.43 -3.49 -8.02
CA ASN A 73 -17.88 -3.24 -8.07
C ASN A 73 -18.37 -2.43 -9.29
N GLY A 74 -17.55 -2.26 -10.32
CA GLY A 74 -17.89 -1.43 -11.47
C GLY A 74 -17.20 -0.08 -11.49
N SER A 75 -16.70 0.34 -10.32
CA SER A 75 -15.99 1.62 -10.15
C SER A 75 -14.76 1.58 -9.21
N GLN A 76 -14.74 0.66 -8.24
CA GLN A 76 -13.67 0.61 -7.22
C GLN A 76 -13.24 -0.81 -6.90
N LEU A 77 -11.99 -0.96 -6.47
CA LEU A 77 -11.48 -2.17 -5.85
C LEU A 77 -11.86 -2.23 -4.36
N ALA A 78 -12.46 -3.34 -3.95
CA ALA A 78 -12.74 -3.68 -2.55
C ALA A 78 -11.70 -4.67 -2.03
N ILE A 79 -10.96 -4.25 -1.01
CA ILE A 79 -10.09 -5.13 -0.21
C ILE A 79 -10.81 -5.37 1.11
N GLN A 80 -11.41 -6.55 1.25
CA GLN A 80 -12.38 -6.81 2.32
C GLN A 80 -11.79 -7.79 3.39
N ALA A 81 -12.29 -7.65 4.62
CA ALA A 81 -12.04 -8.64 5.70
C ALA A 81 -13.33 -9.36 6.08
N GLN A 82 -13.21 -10.60 6.55
CA GLN A 82 -14.36 -11.41 6.99
C GLN A 82 -14.03 -12.23 8.24
N PRO A 83 -15.03 -12.70 9.02
CA PRO A 83 -14.74 -13.54 10.20
C PRO A 83 -14.28 -14.94 9.81
N ALA A 84 -13.23 -15.44 10.46
CA ALA A 84 -12.74 -16.81 10.23
C ALA A 84 -12.92 -17.75 11.44
N GLY A 85 -13.42 -17.20 12.56
CA GLY A 85 -13.57 -17.95 13.81
C GLY A 85 -12.25 -18.11 14.54
N ASN A 86 -12.33 -18.56 15.80
CA ASN A 86 -11.17 -18.76 16.67
C ASN A 86 -10.17 -17.60 16.64
N GLY A 87 -10.71 -16.39 16.71
CA GLY A 87 -9.88 -15.21 16.85
C GLY A 87 -9.22 -14.70 15.57
N LYS A 88 -9.56 -15.27 14.41
CA LYS A 88 -8.90 -14.92 13.14
C LYS A 88 -9.82 -14.28 12.10
N SER A 89 -9.20 -13.68 11.08
CA SER A 89 -9.88 -13.06 9.92
C SER A 89 -9.43 -13.69 8.60
N TYR A 90 -10.31 -13.66 7.60
CA TYR A 90 -9.91 -13.76 6.20
C TYR A 90 -9.66 -12.34 5.65
N ASN A 91 -8.65 -12.17 4.80
CA ASN A 91 -8.13 -10.85 4.42
C ASN A 91 -7.82 -10.71 2.95
N GLY A 92 -8.34 -9.65 2.33
CA GLY A 92 -8.09 -9.38 0.92
C GLY A 92 -6.70 -8.87 0.62
N ILE A 93 -6.23 -9.17 -0.59
CA ILE A 93 -4.90 -8.72 -1.06
C ILE A 93 -4.87 -8.80 -2.60
N ILE A 94 -4.26 -7.78 -3.26
CA ILE A 94 -3.79 -7.91 -4.66
C ILE A 94 -2.31 -7.59 -4.78
N THR A 95 -1.62 -8.29 -5.71
CA THR A 95 -0.24 -8.00 -6.06
C THR A 95 -0.11 -7.85 -7.59
N SER A 96 0.87 -7.04 -8.03
CA SER A 96 1.09 -6.84 -9.47
C SER A 96 1.77 -8.03 -10.14
N LYS A 97 1.37 -8.29 -11.38
CA LYS A 97 2.02 -9.32 -12.22
C LYS A 97 3.28 -8.79 -12.90
N ASN A 98 3.42 -7.46 -12.95
CA ASN A 98 4.62 -6.78 -13.51
C ASN A 98 5.32 -5.95 -12.44
N LYS A 99 6.63 -5.84 -12.52
CA LYS A 99 7.43 -5.11 -11.54
C LYS A 99 7.60 -3.62 -11.90
N ILE A 100 7.94 -2.82 -10.89
CA ILE A 100 8.33 -1.42 -11.07
C ILE A 100 9.74 -1.21 -10.50
N GLN A 101 10.37 -0.12 -10.89
CA GLN A 101 11.73 0.22 -10.42
C GLN A 101 11.93 1.73 -10.52
N TYR A 102 12.76 2.31 -9.63
CA TYR A 102 13.06 3.74 -9.69
C TYR A 102 13.65 4.10 -11.09
N PRO A 103 13.50 5.34 -11.57
CA PRO A 103 12.62 6.38 -11.00
C PRO A 103 11.15 6.14 -11.33
N VAL A 104 10.29 6.29 -10.34
CA VAL A 104 8.86 6.02 -10.53
C VAL A 104 8.03 6.81 -9.50
N TYR A 105 6.91 7.38 -9.95
CA TYR A 105 5.90 8.01 -9.07
C TYR A 105 4.71 7.07 -9.02
N MET A 106 4.24 6.74 -7.82
CA MET A 106 3.13 5.78 -7.66
C MET A 106 2.12 6.32 -6.65
N GLU A 107 0.82 6.20 -6.96
CA GLU A 107 -0.22 6.86 -6.15
C GLU A 107 -1.54 6.12 -6.22
N ILE A 108 -2.24 6.00 -5.10
CA ILE A 108 -3.64 5.51 -5.08
C ILE A 108 -4.56 6.56 -4.52
N LYS A 109 -5.84 6.47 -4.87
CA LYS A 109 -6.89 7.20 -4.18
C LYS A 109 -7.71 6.17 -3.39
N ALA A 110 -7.83 6.31 -2.07
CA ALA A 110 -8.37 5.24 -1.21
C ALA A 110 -8.98 5.77 0.07
N LYS A 111 -9.88 4.96 0.66
CA LYS A 111 -10.50 5.22 1.97
C LYS A 111 -10.30 4.00 2.87
N ILE A 112 -9.56 4.16 3.96
CA ILE A 112 -9.29 3.06 4.89
C ILE A 112 -10.56 2.65 5.69
N MET A 113 -10.55 1.40 6.17
CA MET A 113 -11.64 0.79 6.98
C MET A 113 -11.78 1.43 8.38
N ASP A 114 -12.98 1.32 8.94
CA ASP A 114 -13.18 1.55 10.39
C ASP A 114 -12.99 0.23 11.17
N GLN A 115 -11.74 -0.23 11.20
CA GLN A 115 -11.30 -1.48 11.86
C GLN A 115 -9.97 -1.28 12.56
N VAL A 116 -9.60 -2.19 13.45
CA VAL A 116 -8.26 -2.17 14.06
C VAL A 116 -7.18 -2.75 13.12
N LEU A 117 -7.63 -3.40 12.04
CA LEU A 117 -6.78 -3.96 10.99
C LEU A 117 -5.92 -2.89 10.29
N ALA A 118 -4.70 -3.27 9.92
CA ALA A 118 -3.90 -2.48 8.98
C ALA A 118 -4.50 -2.52 7.57
N ASN A 119 -4.41 -1.37 6.88
CA ASN A 119 -4.70 -1.20 5.45
C ASN A 119 -3.47 -0.53 4.81
N ALA A 120 -2.87 -1.17 3.80
CA ALA A 120 -1.57 -0.70 3.29
C ALA A 120 -1.42 -0.76 1.76
N PHE A 121 -0.51 0.08 1.25
CA PHE A 121 -0.07 0.18 -0.16
C PHE A 121 1.44 0.21 -0.07
N TRP A 122 2.07 -0.84 -0.60
CA TRP A 122 3.50 -1.08 -0.34
C TRP A 122 4.16 -1.89 -1.46
N THR A 123 5.50 -1.97 -1.42
CA THR A 123 6.28 -2.81 -2.34
C THR A 123 7.12 -3.78 -1.56
N LEU A 124 7.44 -4.90 -2.20
CA LEU A 124 8.32 -5.92 -1.61
C LEU A 124 8.98 -6.71 -2.75
N THR A 125 10.30 -6.87 -2.67
CA THR A 125 11.04 -7.63 -3.67
C THR A 125 10.82 -9.13 -3.51
N ASP A 126 11.08 -9.88 -4.58
CA ASP A 126 11.02 -11.35 -4.50
C ASP A 126 11.85 -11.95 -3.33
N ASP A 127 13.05 -11.41 -3.12
CA ASP A 127 13.94 -11.89 -2.05
C ASP A 127 13.52 -11.39 -0.65
N GLU A 128 12.52 -10.52 -0.61
CA GLU A 128 11.92 -10.03 0.65
C GLU A 128 12.90 -9.18 1.52
N THR A 129 13.89 -8.55 0.87
CA THR A 129 14.86 -7.73 1.59
C THR A 129 14.59 -6.24 1.51
N GLN A 130 13.80 -5.79 0.53
CA GLN A 130 13.56 -4.33 0.34
C GLN A 130 12.07 -4.05 0.25
N GLU A 131 11.60 -3.10 1.08
CA GLU A 131 10.16 -2.79 1.21
C GLU A 131 9.97 -1.27 1.27
N ILE A 132 9.03 -0.73 0.49
CA ILE A 132 8.60 0.68 0.63
C ILE A 132 7.13 0.71 1.04
N ASP A 133 6.80 1.42 2.12
CA ASP A 133 5.41 1.54 2.60
C ASP A 133 4.86 2.94 2.23
N ILE A 134 4.17 3.02 1.09
CA ILE A 134 3.66 4.33 0.63
C ILE A 134 2.68 4.88 1.65
N MET A 135 1.82 3.98 2.18
CA MET A 135 0.95 4.28 3.33
C MET A 135 0.57 2.99 4.08
N GLU A 136 0.36 3.12 5.37
CA GLU A 136 -0.18 2.03 6.21
C GLU A 136 -1.04 2.71 7.31
N GLY A 137 -2.36 2.46 7.30
CA GLY A 137 -3.30 3.09 8.23
C GLY A 137 -4.05 2.09 9.12
N TYR A 138 -4.58 2.56 10.23
CA TYR A 138 -5.30 1.74 11.22
C TYR A 138 -6.51 2.59 11.64
N GLY A 139 -7.69 2.31 11.08
CA GLY A 139 -8.78 3.28 11.10
C GLY A 139 -9.64 3.44 12.33
N SER A 140 -9.75 2.41 13.18
CA SER A 140 -10.70 2.42 14.33
C SER A 140 -10.20 3.11 15.59
N ASP A 141 -11.07 3.86 16.25
CA ASP A 141 -10.76 4.43 17.58
C ASP A 141 -10.52 3.35 18.64
N ARG A 142 -11.05 2.14 18.45
CA ARG A 142 -10.80 1.05 19.43
C ARG A 142 -9.33 0.62 19.52
N GLY A 143 -8.56 0.92 18.45
CA GLY A 143 -7.12 0.71 18.46
C GLY A 143 -6.34 1.88 19.04
N GLY A 144 -7.06 2.90 19.49
CA GLY A 144 -6.47 4.11 20.03
C GLY A 144 -6.65 5.30 19.08
N THR A 145 -7.18 6.41 19.58
CA THR A 145 -7.37 7.60 18.73
C THR A 145 -6.05 8.11 18.14
N TRP A 146 -4.95 7.90 18.85
CA TRP A 146 -3.62 8.32 18.37
C TRP A 146 -3.34 7.71 16.99
N PHE A 147 -3.62 6.42 16.86
CA PHE A 147 -3.44 5.65 15.62
C PHE A 147 -4.49 5.98 14.56
N ALA A 148 -5.75 6.10 14.96
CA ALA A 148 -6.80 6.49 14.02
C ALA A 148 -6.52 7.82 13.30
N GLN A 149 -5.79 8.70 13.96
CA GLN A 149 -5.52 10.06 13.48
C GLN A 149 -4.16 10.23 12.75
N ARG A 150 -3.42 9.14 12.54
CA ARG A 150 -2.11 9.19 11.90
C ARG A 150 -1.93 8.14 10.81
N MET A 151 -1.13 8.50 9.81
CA MET A 151 -0.82 7.64 8.68
C MET A 151 0.67 7.27 8.71
N HIS A 152 0.99 5.98 8.70
CA HIS A 152 2.39 5.52 8.75
C HIS A 152 3.00 5.63 7.34
N LEU A 153 4.16 6.30 7.26
CA LEU A 153 4.95 6.51 6.03
C LEU A 153 6.34 5.94 6.30
N SER A 154 6.73 4.84 5.66
CA SER A 154 7.96 4.14 6.09
C SER A 154 8.53 3.28 4.96
N HIS A 155 9.55 2.50 5.32
CA HIS A 155 10.20 1.54 4.45
C HIS A 155 10.97 0.57 5.38
N HIS A 156 11.36 -0.59 4.86
CA HIS A 156 12.15 -1.54 5.67
C HIS A 156 13.31 -2.09 4.84
N THR A 157 14.43 -2.43 5.50
CA THR A 157 15.47 -3.28 4.91
C THR A 157 15.65 -4.48 5.83
N PHE A 158 15.70 -5.67 5.26
CA PHE A 158 15.77 -6.92 6.04
C PHE A 158 17.00 -7.75 5.70
N ILE A 159 17.55 -8.39 6.73
CA ILE A 159 18.32 -9.64 6.58
C ILE A 159 17.32 -10.78 6.77
N ARG A 160 17.40 -11.79 5.91
CA ARG A 160 16.57 -12.98 6.00
C ARG A 160 17.46 -14.20 6.31
N ASN A 161 16.92 -15.12 7.08
CA ASN A 161 17.54 -16.44 7.30
C ASN A 161 18.97 -16.32 7.84
N PRO A 162 19.17 -15.82 9.07
CA PRO A 162 18.11 -15.41 10.02
C PRO A 162 17.63 -13.95 9.89
N PHE A 163 16.51 -13.69 10.55
CA PHE A 163 15.72 -12.45 10.35
C PHE A 163 16.20 -11.30 11.23
N THR A 164 16.42 -10.13 10.61
CA THR A 164 16.66 -8.86 11.30
C THR A 164 15.92 -7.75 10.49
N ASP A 165 15.14 -6.91 11.17
CA ASP A 165 14.32 -5.84 10.55
C ASP A 165 14.87 -4.45 10.90
N TYR A 166 14.95 -3.56 9.90
CA TYR A 166 15.21 -2.12 10.11
C TYR A 166 14.07 -1.33 9.46
N GLN A 167 13.53 -0.36 10.21
CA GLN A 167 12.70 0.74 9.66
C GLN A 167 13.06 2.02 10.39
N PRO A 168 12.93 3.18 9.75
CA PRO A 168 13.08 4.44 10.49
C PRO A 168 12.03 4.56 11.58
N MET A 169 12.40 5.14 12.73
CA MET A 169 11.52 5.24 13.89
C MET A 169 11.25 6.65 14.35
N GLY A 170 11.73 7.64 13.60
CA GLY A 170 11.47 9.03 13.90
C GLY A 170 9.99 9.36 13.99
N ASP A 171 9.65 10.37 14.77
CA ASP A 171 8.27 10.77 14.95
C ASP A 171 7.61 11.20 13.60
N ALA A 172 8.41 11.66 12.64
CA ALA A 172 7.85 12.08 11.34
C ALA A 172 7.36 10.91 10.45
N THR A 173 7.61 9.67 10.88
CA THR A 173 7.05 8.50 10.20
C THR A 173 5.56 8.28 10.43
N TRP A 174 4.94 9.01 11.34
CA TRP A 174 3.51 8.98 11.57
C TRP A 174 2.93 10.37 11.30
N TYR A 175 2.21 10.54 10.19
CA TYR A 175 1.74 11.87 9.73
C TYR A 175 0.33 12.20 10.25
N TYR A 176 0.20 13.34 10.93
CA TYR A 176 -1.02 13.83 11.55
C TYR A 176 -1.70 14.92 10.68
N ASN A 177 -3.02 14.82 10.55
CA ASN A 177 -3.85 15.77 9.77
C ASN A 177 -4.83 16.56 10.68
N GLY A 178 -4.32 17.23 11.70
CA GLY A 178 -5.15 18.07 12.59
C GLY A 178 -6.17 17.40 13.47
N GLY A 179 -6.12 16.08 13.59
CA GLY A 179 -7.08 15.37 14.40
C GLY A 179 -8.18 14.67 13.62
N THR A 180 -8.29 14.98 12.34
CA THR A 180 -9.27 14.33 11.48
C THR A 180 -8.88 12.85 11.26
N PRO A 181 -9.76 11.90 11.57
CA PRO A 181 -9.43 10.47 11.32
C PRO A 181 -9.35 10.16 9.82
N TRP A 182 -8.37 9.35 9.45
CA TRP A 182 -8.14 8.93 8.05
C TRP A 182 -9.28 8.09 7.45
N ARG A 183 -10.08 7.45 8.32
CA ARG A 183 -11.25 6.66 7.91
C ARG A 183 -12.37 7.52 7.33
N SER A 184 -12.28 8.83 7.48
CA SER A 184 -13.43 9.71 7.21
C SER A 184 -13.55 10.22 5.78
N ALA A 185 -12.56 9.97 4.92
CA ALA A 185 -12.60 10.43 3.52
C ALA A 185 -11.63 9.67 2.64
N TYR A 186 -11.81 9.74 1.32
CA TYR A 186 -10.78 9.33 0.37
C TYR A 186 -9.65 10.35 0.37
N HIS A 187 -8.43 9.84 0.27
CA HIS A 187 -7.24 10.65 0.09
C HIS A 187 -6.38 10.06 -1.02
N ARG A 188 -5.53 10.89 -1.64
CA ARG A 188 -4.45 10.44 -2.54
C ARG A 188 -3.19 10.19 -1.71
N TYR A 189 -2.65 8.98 -1.84
CA TYR A 189 -1.45 8.57 -1.12
C TYR A 189 -0.39 8.22 -2.18
N GLY A 190 0.65 9.05 -2.27
CA GLY A 190 1.67 8.91 -3.32
C GLY A 190 3.10 8.88 -2.80
N CYS A 191 4.00 8.37 -3.64
CA CYS A 191 5.43 8.34 -3.35
C CYS A 191 6.23 8.47 -4.65
N TYR A 192 7.24 9.36 -4.66
CA TYR A 192 8.28 9.39 -5.70
C TYR A 192 9.49 8.61 -5.18
N TRP A 193 9.70 7.43 -5.72
CA TRP A 193 10.90 6.63 -5.47
C TRP A 193 11.88 7.09 -6.56
N LYS A 194 12.69 8.09 -6.20
CA LYS A 194 13.52 8.84 -7.17
C LYS A 194 14.82 8.12 -7.53
N ASP A 195 15.43 7.53 -6.50
CA ASP A 195 16.69 6.77 -6.66
C ASP A 195 16.87 5.85 -5.44
N PRO A 196 17.91 4.99 -5.40
CA PRO A 196 18.03 4.05 -4.26
C PRO A 196 18.18 4.70 -2.89
N PHE A 197 18.51 5.99 -2.83
CA PHE A 197 18.69 6.68 -1.55
C PHE A 197 17.77 7.87 -1.31
N THR A 198 16.65 7.95 -2.06
CA THR A 198 15.74 9.10 -1.99
C THR A 198 14.29 8.70 -2.18
N LEU A 199 13.46 8.94 -1.15
CA LEU A 199 11.99 8.75 -1.21
C LEU A 199 11.29 10.08 -0.86
N GLU A 200 10.20 10.42 -1.56
CA GLU A 200 9.37 11.58 -1.21
C GLU A 200 7.92 11.10 -1.12
N TYR A 201 7.19 11.53 -0.10
CA TYR A 201 5.80 11.13 0.14
C TYR A 201 4.87 12.32 -0.04
N TYR A 202 3.73 12.08 -0.70
CA TYR A 202 2.76 13.13 -1.04
C TYR A 202 1.35 12.67 -0.61
N ILE A 203 0.64 13.52 0.12
CA ILE A 203 -0.77 13.27 0.49
C ILE A 203 -1.64 14.38 -0.10
N ASP A 204 -2.66 13.99 -0.86
CA ASP A 204 -3.52 14.95 -1.56
C ASP A 204 -2.71 15.97 -2.41
N GLY A 205 -1.63 15.49 -3.03
CA GLY A 205 -0.81 16.34 -3.90
C GLY A 205 0.20 17.25 -3.20
N VAL A 206 0.29 17.16 -1.88
CA VAL A 206 1.19 17.97 -1.06
C VAL A 206 2.34 17.13 -0.54
N LYS A 207 3.58 17.58 -0.74
CA LYS A 207 4.76 16.87 -0.21
C LYS A 207 4.78 17.00 1.31
N VAL A 208 4.83 15.86 2.02
CA VAL A 208 4.79 15.85 3.48
C VAL A 208 6.05 15.30 4.16
N ARG A 209 6.85 14.50 3.44
CA ARG A 209 8.07 13.90 4.01
C ARG A 209 9.04 13.50 2.90
N THR A 210 10.34 13.72 3.16
CA THR A 210 11.46 13.30 2.33
C THR A 210 12.40 12.44 3.18
N VAL A 211 12.80 11.30 2.62
CA VAL A 211 13.76 10.38 3.26
C VAL A 211 15.06 10.42 2.46
N THR A 212 16.16 10.78 3.11
CA THR A 212 17.47 10.94 2.43
C THR A 212 18.41 9.84 2.91
N ARG A 213 19.64 9.86 2.38
CA ARG A 213 20.57 8.73 2.48
C ARG A 213 20.80 8.13 3.86
N ALA A 214 21.05 8.96 4.88
CA ALA A 214 21.40 8.42 6.21
C ALA A 214 20.30 7.58 6.86
N GLU A 215 19.03 7.82 6.50
CA GLU A 215 17.91 7.04 7.01
C GLU A 215 17.53 5.80 6.19
N ILE A 216 18.14 5.62 5.02
CA ILE A 216 17.77 4.50 4.15
C ILE A 216 18.20 3.11 4.70
N ASP A 217 19.47 2.97 5.06
CA ASP A 217 19.99 1.68 5.52
C ASP A 217 21.22 1.87 6.41
N PRO A 218 21.07 2.55 7.56
CA PRO A 218 22.23 2.86 8.42
C PRO A 218 22.98 1.64 9.00
N ASN A 219 22.34 0.47 9.05
CA ASN A 219 23.01 -0.79 9.44
C ASN A 219 23.54 -1.67 8.27
N ASN A 220 23.38 -1.20 7.05
CA ASN A 220 23.84 -1.91 5.84
C ASN A 220 23.29 -3.34 5.71
N HIS A 221 22.02 -3.54 6.06
CA HIS A 221 21.35 -4.81 5.77
C HIS A 221 21.41 -5.19 4.28
N LEU A 222 21.50 -4.19 3.40
CA LEU A 222 21.52 -4.39 1.96
C LEU A 222 22.91 -4.32 1.31
N GLY A 223 23.97 -4.23 2.11
CA GLY A 223 25.32 -4.23 1.57
C GLY A 223 25.65 -3.08 0.62
N GLY A 224 25.07 -1.90 0.87
CA GLY A 224 25.43 -0.70 0.14
C GLY A 224 24.62 -0.36 -1.10
N THR A 225 23.64 -1.16 -1.46
CA THR A 225 22.86 -0.95 -2.69
C THR A 225 21.74 0.09 -2.56
N GLY A 226 21.29 0.34 -1.33
CA GLY A 226 20.06 1.08 -1.12
C GLY A 226 18.89 0.35 -1.76
N LEU A 227 17.78 1.07 -1.94
CA LEU A 227 16.54 0.50 -2.49
C LEU A 227 16.58 0.55 -4.03
N ASN A 228 17.32 -0.40 -4.58
CA ASN A 228 17.67 -0.41 -6.01
C ASN A 228 16.92 -1.43 -6.86
N GLN A 229 16.34 -2.47 -6.24
CA GLN A 229 15.81 -3.58 -7.02
C GLN A 229 14.41 -3.34 -7.55
N ALA A 230 14.16 -3.85 -8.76
CA ALA A 230 12.80 -4.02 -9.28
C ALA A 230 11.94 -4.82 -8.30
N THR A 231 10.68 -4.41 -8.18
CA THR A 231 9.85 -4.89 -7.07
C THR A 231 8.39 -5.05 -7.41
N ASN A 232 7.66 -5.77 -6.53
CA ASN A 232 6.24 -6.02 -6.68
C ASN A 232 5.37 -4.99 -5.93
N ILE A 233 4.25 -4.56 -6.50
CA ILE A 233 3.26 -3.71 -5.80
C ILE A 233 2.28 -4.60 -5.02
N ILE A 234 1.92 -4.20 -3.79
CA ILE A 234 0.95 -4.91 -2.91
C ILE A 234 -0.06 -3.90 -2.37
N ILE A 235 -1.34 -4.25 -2.43
CA ILE A 235 -2.42 -3.54 -1.70
C ILE A 235 -3.14 -4.58 -0.85
N ASP A 236 -3.23 -4.40 0.46
CA ASP A 236 -3.82 -5.43 1.34
C ASP A 236 -4.38 -4.89 2.66
N CYS A 237 -4.99 -5.83 3.40
CA CYS A 237 -5.34 -5.63 4.81
C CYS A 237 -4.78 -6.79 5.67
N GLU A 238 -4.44 -6.49 6.92
CA GLU A 238 -3.74 -7.44 7.82
C GLU A 238 -4.23 -7.29 9.27
N ASN A 239 -4.35 -8.43 9.97
CA ASN A 239 -4.74 -8.53 11.42
C ASN A 239 -3.46 -8.74 12.27
N GLN A 240 -2.76 -7.63 12.55
CA GLN A 240 -1.38 -7.66 13.07
C GLN A 240 -1.36 -7.84 14.58
N THR A 241 -1.78 -9.01 15.04
CA THR A 241 -1.92 -9.29 16.47
C THR A 241 -0.60 -9.56 17.21
N ASP A 242 0.50 -9.61 16.49
CA ASP A 242 1.82 -9.59 17.11
C ASP A 242 2.00 -8.30 17.93
N TRP A 243 1.31 -7.21 17.53
CA TRP A 243 1.35 -5.94 18.28
C TRP A 243 0.07 -5.16 18.49
N ARG A 244 -1.02 -5.52 17.81
CA ARG A 244 -2.31 -4.81 17.88
C ARG A 244 -3.35 -5.68 18.56
N PRO A 245 -4.44 -5.08 19.08
CA PRO A 245 -5.54 -5.90 19.59
C PRO A 245 -6.18 -6.64 18.42
N ALA A 246 -6.69 -7.84 18.66
CA ALA A 246 -7.41 -8.61 17.66
C ALA A 246 -8.71 -7.92 17.29
N ALA A 247 -9.07 -7.98 15.99
CA ALA A 247 -10.42 -7.61 15.56
C ALA A 247 -11.44 -8.54 16.22
N THR A 248 -12.58 -8.00 16.60
CA THR A 248 -13.65 -8.89 17.07
C THR A 248 -14.33 -9.56 15.87
N GLN A 249 -14.91 -10.75 16.05
CA GLN A 249 -15.64 -11.41 14.97
C GLN A 249 -16.82 -10.54 14.46
N GLU A 250 -17.52 -9.85 15.36
CA GLU A 250 -18.61 -8.97 14.95
C GLU A 250 -18.13 -7.81 14.05
N GLU A 251 -17.00 -7.19 14.40
CA GLU A 251 -16.40 -6.10 13.57
C GLU A 251 -16.11 -6.61 12.14
N LEU A 252 -15.55 -7.81 12.08
CA LEU A 252 -15.20 -8.45 10.82
C LEU A 252 -16.43 -8.79 9.96
N ALA A 253 -17.58 -9.02 10.62
CA ALA A 253 -18.81 -9.39 9.91
C ALA A 253 -19.58 -8.17 9.40
N ASP A 254 -19.22 -6.98 9.86
CA ASP A 254 -20.00 -5.79 9.55
C ASP A 254 -19.62 -5.20 8.18
N ASP A 255 -20.43 -5.46 7.16
CA ASP A 255 -20.10 -5.10 5.78
C ASP A 255 -20.12 -3.56 5.47
N SER A 256 -20.56 -2.74 6.42
CA SER A 256 -20.41 -1.27 6.35
C SER A 256 -19.07 -0.71 6.86
N LYS A 257 -18.27 -1.56 7.51
CA LYS A 257 -17.02 -1.17 8.14
C LYS A 257 -15.82 -2.01 7.69
N ASN A 258 -16.01 -3.07 6.89
CA ASN A 258 -14.96 -4.07 6.67
C ASN A 258 -14.30 -4.05 5.28
N ILE A 259 -14.43 -2.92 4.55
CA ILE A 259 -13.84 -2.77 3.21
C ILE A 259 -12.92 -1.55 3.12
N PHE A 260 -11.69 -1.81 2.67
CA PHE A 260 -10.69 -0.82 2.24
C PHE A 260 -10.97 -0.55 0.76
N TRP A 261 -11.51 0.63 0.45
CA TRP A 261 -11.91 0.99 -0.93
C TRP A 261 -10.81 1.74 -1.68
N VAL A 262 -10.44 1.29 -2.88
CA VAL A 262 -9.43 1.92 -3.72
C VAL A 262 -10.10 2.32 -5.06
N ASP A 263 -10.22 3.62 -5.32
CA ASP A 263 -10.87 4.12 -6.56
C ASP A 263 -9.99 3.95 -7.82
N TRP A 264 -8.68 4.12 -7.65
CA TRP A 264 -7.70 4.00 -8.73
C TRP A 264 -6.27 3.91 -8.23
N ILE A 265 -5.41 3.37 -9.08
CA ILE A 265 -3.96 3.39 -8.89
C ILE A 265 -3.32 3.91 -10.18
N ARG A 266 -2.38 4.84 -10.08
CA ARG A 266 -1.63 5.35 -11.25
C ARG A 266 -0.13 5.36 -10.98
N VAL A 267 0.65 5.07 -12.02
CA VAL A 267 2.10 4.97 -11.92
C VAL A 267 2.72 5.66 -13.14
N TYR A 268 3.75 6.50 -12.93
CA TYR A 268 4.42 7.23 -14.03
C TYR A 268 5.94 7.11 -13.93
N LYS A 269 6.60 7.26 -15.09
CA LYS A 269 8.05 7.35 -15.17
C LYS A 269 8.48 8.59 -15.97
N PRO A 270 9.63 9.18 -15.66
CA PRO A 270 10.14 10.34 -16.43
C PRO A 270 10.78 9.90 -17.73
N VAL A 271 10.37 10.55 -18.83
CA VAL A 271 10.92 10.28 -20.17
C VAL A 271 11.29 11.58 -20.89
N ALA A 272 12.18 11.45 -21.87
CA ALA A 272 12.60 12.59 -22.69
C ALA A 272 11.45 13.19 -23.50
N VAL A 273 11.38 14.52 -23.57
CA VAL A 273 10.37 15.18 -24.42
C VAL A 273 10.63 14.98 -25.92
NA NA B . -7.80 6.45 22.91
CA CA C . -12.49 4.01 -10.31
S SO4 D . 10.23 16.95 -6.29
O1 SO4 D . 9.01 16.75 -5.51
O2 SO4 D . 9.91 17.70 -7.48
O3 SO4 D . 11.17 17.71 -5.48
O4 SO4 D . 10.73 15.66 -6.73
S SO4 E . -19.00 -3.61 -15.60
O1 SO4 E . -20.28 -4.11 -16.10
O2 SO4 E . -18.15 -4.78 -15.54
O3 SO4 E . -19.25 -3.01 -14.31
O4 SO4 E . -18.48 -2.55 -16.48
S SO4 F . 20.58 -0.99 -10.29
S SO4 F . 21.66 0.18 -10.21
O1 SO4 F . 19.92 0.11 -9.58
O1 SO4 F . 20.72 0.81 -9.30
O2 SO4 F . 21.43 -0.43 -11.35
O2 SO4 F . 22.57 1.19 -10.77
O3 SO4 F . 21.43 -1.73 -9.36
O3 SO4 F . 22.38 -0.84 -9.45
O4 SO4 F . 19.57 -1.86 -10.89
O4 SO4 F . 20.95 -0.44 -11.33
#